data_7DMF
#
_entry.id   7DMF
#
_cell.length_a   69.727
_cell.length_b   69.727
_cell.length_c   79.291
_cell.angle_alpha   90.000
_cell.angle_beta   90.000
_cell.angle_gamma   120.000
#
_symmetry.space_group_name_H-M   'P 65'
#
loop_
_entity.id
_entity.type
_entity.pdbx_description
1 polymer 'Designed protein EXTD-3'
2 water water
#
_entity_poly.entity_id   1
_entity_poly.type   'polypeptide(L)'
_entity_poly.pdbx_seq_one_letter_code
;DCQQELSLVQTVTRGSRAFLSREEAQHFVKECGLLNCEAVLELLICHLRLGMEIMKLGRQLREAVRANDVDAMLKIAKEI
IKVIGETGLDEVYRQLLKAAKEFLERRAENFSHEEAVAFAQQIIQLIKQVECVQMRALGAVASLGCTDLLPQEHILLLTR
PRLQELSAGSPGPVTNKATKILRHFEASC
;
_entity_poly.pdbx_strand_id   A
#
# COMPACT_ATOMS: atom_id res chain seq x y z
N ASP A 1 -1.58 3.93 -22.59
CA ASP A 1 -2.81 4.43 -21.98
C ASP A 1 -2.74 4.39 -20.46
N CYS A 2 -3.27 5.43 -19.82
CA CYS A 2 -3.17 5.53 -18.37
C CYS A 2 -3.94 4.41 -17.66
N GLN A 3 -5.01 3.90 -18.29
CA GLN A 3 -5.79 2.83 -17.66
C GLN A 3 -5.00 1.52 -17.63
N GLN A 4 -4.25 1.22 -18.69
CA GLN A 4 -3.54 -0.05 -18.76
C GLN A 4 -2.41 -0.11 -17.74
N GLU A 5 -1.82 1.04 -17.38
CA GLU A 5 -0.79 1.05 -16.35
C GLU A 5 -1.40 0.84 -14.96
N LEU A 6 -2.58 1.40 -14.72
CA LEU A 6 -3.28 1.15 -13.47
C LEU A 6 -3.69 -0.31 -13.36
N SER A 7 -4.09 -0.93 -14.48
CA SER A 7 -4.41 -2.36 -14.47
C SER A 7 -3.16 -3.20 -14.24
N LEU A 8 -2.02 -2.73 -14.74
CA LEU A 8 -0.76 -3.45 -14.52
C LEU A 8 -0.34 -3.38 -13.06
N VAL A 9 -0.49 -2.22 -12.43
CA VAL A 9 -0.07 -2.07 -11.03
C VAL A 9 -1.01 -2.84 -10.11
N GLN A 10 -2.31 -2.76 -10.35
CA GLN A 10 -3.26 -3.48 -9.52
C GLN A 10 -3.16 -4.98 -9.70
N THR A 11 -2.62 -5.44 -10.83
CA THR A 11 -2.42 -6.87 -11.05
C THR A 11 -1.18 -7.38 -10.32
N VAL A 12 -0.08 -6.64 -10.40
CA VAL A 12 1.17 -7.10 -9.80
C VAL A 12 1.09 -7.03 -8.28
N THR A 13 0.27 -6.14 -7.74
CA THR A 13 0.05 -6.05 -6.30
C THR A 13 -1.03 -7.02 -5.82
N ARG A 14 -1.63 -7.78 -6.72
CA ARG A 14 -2.69 -8.72 -6.38
C ARG A 14 -2.09 -10.11 -6.17
N GLY A 15 -2.33 -10.68 -5.00
CA GLY A 15 -1.82 -12.00 -4.69
C GLY A 15 -1.65 -12.19 -3.20
N SER A 16 -1.61 -13.47 -2.81
CA SER A 16 -1.40 -13.83 -1.42
C SER A 16 0.08 -13.85 -1.03
N ARG A 17 0.98 -13.78 -2.00
CA ARG A 17 2.42 -13.83 -1.75
C ARG A 17 2.98 -12.43 -1.56
N ALA A 18 3.82 -12.27 -0.54
CA ALA A 18 4.55 -11.02 -0.35
C ALA A 18 5.67 -10.85 -1.35
N PHE A 19 5.96 -11.87 -2.15
CA PHE A 19 7.00 -11.83 -3.17
C PHE A 19 6.41 -12.17 -4.52
N LEU A 20 6.85 -11.47 -5.56
CA LEU A 20 6.42 -11.79 -6.91
C LEU A 20 7.09 -13.08 -7.38
N SER A 21 6.33 -13.90 -8.10
CA SER A 21 6.94 -15.03 -8.79
C SER A 21 7.79 -14.50 -9.96
N ARG A 22 8.68 -15.36 -10.46
CA ARG A 22 9.52 -14.96 -11.58
C ARG A 22 8.68 -14.57 -12.79
N GLU A 23 7.59 -15.32 -13.04
CA GLU A 23 6.75 -15.02 -14.19
C GLU A 23 5.99 -13.70 -13.99
N GLU A 24 5.58 -13.41 -12.76
CA GLU A 24 4.91 -12.14 -12.49
C GLU A 24 5.88 -10.97 -12.63
N ALA A 25 7.12 -11.15 -12.17
CA ALA A 25 8.11 -10.07 -12.29
C ALA A 25 8.50 -9.85 -13.75
N GLN A 26 8.71 -10.93 -14.49
CA GLN A 26 9.09 -10.78 -15.90
C GLN A 26 7.96 -10.15 -16.71
N HIS A 27 6.73 -10.64 -16.51
CA HIS A 27 5.59 -10.08 -17.23
C HIS A 27 5.37 -8.62 -16.87
N PHE A 28 5.60 -8.25 -15.61
CA PHE A 28 5.47 -6.85 -15.20
C PHE A 28 6.53 -5.99 -15.89
N VAL A 29 7.76 -6.48 -15.98
CA VAL A 29 8.83 -5.70 -16.62
C VAL A 29 8.55 -5.54 -18.11
N LYS A 30 8.10 -6.62 -18.77
CA LYS A 30 7.84 -6.55 -20.20
C LYS A 30 6.66 -5.63 -20.52
N GLU A 31 5.62 -5.66 -19.68
CA GLU A 31 4.48 -4.79 -19.91
C GLU A 31 4.80 -3.33 -19.60
N CYS A 32 5.73 -3.08 -18.69
CA CYS A 32 6.19 -1.71 -18.46
C CYS A 32 6.86 -1.15 -19.70
N GLY A 33 7.61 -1.99 -20.43
CA GLY A 33 8.22 -1.54 -21.67
C GLY A 33 7.21 -1.17 -22.72
N LEU A 34 6.04 -1.81 -22.70
CA LEU A 34 4.96 -1.46 -23.63
C LEU A 34 4.21 -0.20 -23.20
N LEU A 35 4.36 0.22 -21.95
CA LEU A 35 3.68 1.40 -21.43
C LEU A 35 4.72 2.44 -21.02
N ASN A 36 4.28 3.41 -20.24
CA ASN A 36 5.17 4.46 -19.73
C ASN A 36 5.75 3.98 -18.39
N CYS A 37 7.03 3.64 -18.39
CA CYS A 37 7.65 3.08 -17.20
C CYS A 37 7.62 4.06 -16.03
N GLU A 38 7.84 5.35 -16.32
CA GLU A 38 7.81 6.35 -15.26
C GLU A 38 6.42 6.49 -14.66
N ALA A 39 5.38 6.42 -15.51
CA ALA A 39 4.02 6.48 -15.01
C ALA A 39 3.68 5.27 -14.14
N VAL A 40 4.24 4.10 -14.48
CA VAL A 40 4.03 2.92 -13.65
C VAL A 40 4.74 3.07 -12.31
N LEU A 41 5.97 3.58 -12.33
CA LEU A 41 6.72 3.77 -11.09
C LEU A 41 6.06 4.80 -10.18
N GLU A 42 5.43 5.83 -10.75
CA GLU A 42 4.75 6.82 -9.94
C GLU A 42 3.51 6.24 -9.28
N LEU A 43 2.81 5.34 -9.99
CA LEU A 43 1.64 4.68 -9.40
C LEU A 43 2.05 3.81 -8.21
N LEU A 44 3.18 3.11 -8.33
CA LEU A 44 3.67 2.30 -7.22
C LEU A 44 4.03 3.17 -6.02
N ILE A 45 4.69 4.30 -6.28
CA ILE A 45 5.09 5.20 -5.20
C ILE A 45 3.87 5.75 -4.48
N CYS A 46 2.83 6.11 -5.23
CA CYS A 46 1.58 6.55 -4.61
C CYS A 46 0.95 5.42 -3.79
N HIS A 47 0.99 4.19 -4.31
CA HIS A 47 0.50 3.06 -3.55
C HIS A 47 1.33 2.86 -2.27
N LEU A 48 2.63 3.11 -2.35
CA LEU A 48 3.48 2.94 -1.17
C LEU A 48 3.19 3.98 -0.10
N ARG A 49 2.86 5.21 -0.52
CA ARG A 49 2.52 6.24 0.46
C ARG A 49 1.17 5.95 1.11
N LEU A 50 0.19 5.51 0.32
CA LEU A 50 -1.11 5.17 0.87
C LEU A 50 -1.01 3.97 1.81
N GLY A 51 -0.21 2.97 1.45
CA GLY A 51 -0.03 1.83 2.33
C GLY A 51 0.64 2.18 3.64
N MET A 52 1.56 3.15 3.61
CA MET A 52 2.21 3.58 4.83
C MET A 52 1.22 4.27 5.76
N GLU A 53 0.35 5.11 5.22
CA GLU A 53 -0.66 5.78 6.04
C GLU A 53 -1.68 4.80 6.58
N ILE A 54 -2.01 3.75 5.81
CA ILE A 54 -3.00 2.78 6.25
C ILE A 54 -2.50 1.99 7.46
N MET A 55 -1.22 1.63 7.46
CA MET A 55 -0.68 0.84 8.57
C MET A 55 -0.60 1.67 9.85
N LYS A 56 -0.23 2.95 9.73
CA LYS A 56 -0.23 3.82 10.90
C LYS A 56 -1.64 3.94 11.48
N LEU A 57 -2.64 4.05 10.61
CA LEU A 57 -4.02 4.01 11.07
C LEU A 57 -4.40 2.63 11.59
N GLY A 58 -3.79 1.58 11.03
CA GLY A 58 -4.04 0.25 11.54
C GLY A 58 -3.49 0.04 12.93
N ARG A 59 -2.32 0.61 13.20
CA ARG A 59 -1.76 0.57 14.56
C ARG A 59 -2.64 1.34 15.53
N GLN A 60 -3.10 2.53 15.13
CA GLN A 60 -3.96 3.32 16.00
C GLN A 60 -5.30 2.63 16.25
N LEU A 61 -5.82 1.93 15.22
CA LEU A 61 -7.06 1.18 15.40
C LEU A 61 -6.88 0.01 16.37
N ARG A 62 -5.69 -0.57 16.40
CA ARG A 62 -5.41 -1.61 17.39
C ARG A 62 -5.49 -1.05 18.80
N GLU A 63 -4.89 0.12 19.04
CA GLU A 63 -4.99 0.77 20.34
C GLU A 63 -6.43 1.15 20.66
N ALA A 64 -7.23 1.48 19.65
CA ALA A 64 -8.62 1.84 19.88
C ALA A 64 -9.42 0.63 20.37
N VAL A 65 -9.10 -0.56 19.85
CA VAL A 65 -9.78 -1.77 20.32
C VAL A 65 -9.36 -2.10 21.75
N ARG A 66 -8.08 -1.94 22.06
CA ARG A 66 -7.61 -2.22 23.41
C ARG A 66 -8.20 -1.24 24.42
N ALA A 67 -8.32 0.03 24.03
CA ALA A 67 -8.86 1.05 24.93
C ALA A 67 -10.38 1.08 24.94
N ASN A 68 -11.04 0.32 24.07
CA ASN A 68 -12.49 0.29 23.98
C ASN A 68 -13.06 1.68 23.73
N ASP A 69 -12.42 2.43 22.82
CA ASP A 69 -12.85 3.77 22.46
C ASP A 69 -13.53 3.67 21.10
N VAL A 70 -14.86 3.52 21.12
CA VAL A 70 -15.63 3.40 19.88
C VAL A 70 -15.49 4.66 19.05
N ASP A 71 -15.44 5.82 19.70
CA ASP A 71 -15.25 7.08 18.97
C ASP A 71 -13.90 7.10 18.26
N ALA A 72 -12.87 6.53 18.90
CA ALA A 72 -11.57 6.46 18.24
C ALA A 72 -11.60 5.48 17.07
N MET A 73 -12.36 4.39 17.20
CA MET A 73 -12.49 3.45 16.08
C MET A 73 -13.16 4.12 14.90
N LEU A 74 -14.20 4.94 15.15
CA LEU A 74 -14.88 5.62 14.06
C LEU A 74 -14.01 6.70 13.45
N LYS A 75 -13.24 7.42 14.28
CA LYS A 75 -12.37 8.48 13.77
C LYS A 75 -11.31 7.90 12.84
N ILE A 76 -10.72 6.77 13.21
CA ILE A 76 -9.69 6.15 12.39
C ILE A 76 -10.28 5.56 11.12
N ALA A 77 -11.45 4.92 11.23
CA ALA A 77 -12.11 4.40 10.05
C ALA A 77 -12.47 5.50 9.07
N LYS A 78 -12.77 6.71 9.58
CA LYS A 78 -13.04 7.84 8.71
C LYS A 78 -11.75 8.32 8.04
N GLU A 79 -10.62 8.28 8.76
CA GLU A 79 -9.36 8.68 8.16
C GLU A 79 -8.88 7.67 7.13
N ILE A 80 -9.23 6.40 7.30
CA ILE A 80 -8.90 5.41 6.28
C ILE A 80 -9.66 5.70 4.99
N ILE A 81 -10.90 6.14 5.09
CA ILE A 81 -11.67 6.50 3.91
C ILE A 81 -11.09 7.73 3.25
N LYS A 82 -10.71 8.73 4.04
CA LYS A 82 -10.19 9.99 3.48
C LYS A 82 -8.89 9.78 2.74
N VAL A 83 -7.96 9.02 3.33
CA VAL A 83 -6.65 8.84 2.70
C VAL A 83 -6.75 7.92 1.49
N ILE A 84 -7.73 7.02 1.47
CA ILE A 84 -7.89 6.13 0.32
C ILE A 84 -8.66 6.82 -0.80
N GLY A 85 -9.79 7.45 -0.46
CA GLY A 85 -10.61 8.08 -1.47
C GLY A 85 -9.92 9.24 -2.17
N GLU A 86 -9.00 9.91 -1.48
CA GLU A 86 -8.28 11.02 -2.11
C GLU A 86 -7.18 10.51 -3.05
N THR A 87 -6.33 9.61 -2.56
CA THR A 87 -5.22 9.11 -3.36
C THR A 87 -5.70 8.17 -4.45
N GLY A 88 -5.97 8.72 -5.65
CA GLY A 88 -6.24 7.91 -6.83
C GLY A 88 -7.40 6.94 -6.67
N LEU A 89 -7.27 5.78 -7.31
CA LEU A 89 -8.29 4.73 -7.28
C LEU A 89 -8.21 3.93 -5.98
N ASP A 90 -8.84 2.75 -5.97
CA ASP A 90 -8.88 1.91 -4.78
C ASP A 90 -9.34 0.49 -5.07
N GLU A 91 -8.89 -0.08 -6.20
CA GLU A 91 -9.25 -1.47 -6.49
C GLU A 91 -8.54 -2.42 -5.54
N VAL A 92 -7.24 -2.24 -5.36
CA VAL A 92 -6.59 -2.69 -4.13
C VAL A 92 -7.01 -1.74 -3.01
N TYR A 93 -7.39 -2.30 -1.86
CA TYR A 93 -8.05 -1.64 -0.72
C TYR A 93 -9.54 -1.49 -0.96
N ARG A 94 -10.10 -2.22 -1.93
CA ARG A 94 -11.53 -2.11 -2.21
C ARG A 94 -12.36 -2.65 -1.05
N GLN A 95 -11.97 -3.82 -0.52
CA GLN A 95 -12.66 -4.35 0.65
C GLN A 95 -12.47 -3.44 1.86
N LEU A 96 -11.27 -2.87 2.01
CA LEU A 96 -11.03 -1.96 3.13
C LEU A 96 -11.90 -0.72 3.03
N LEU A 97 -12.14 -0.24 1.82
CA LEU A 97 -13.02 0.92 1.63
C LEU A 97 -14.47 0.56 1.97
N LYS A 98 -14.89 -0.67 1.64
CA LYS A 98 -16.26 -1.07 1.94
C LYS A 98 -16.49 -1.22 3.44
N ALA A 99 -15.59 -1.95 4.13
CA ALA A 99 -15.77 -2.18 5.56
C ALA A 99 -15.67 -0.88 6.35
N ALA A 100 -14.83 0.06 5.91
CA ALA A 100 -14.71 1.32 6.64
C ALA A 100 -15.96 2.18 6.45
N LYS A 101 -16.48 2.25 5.22
CA LYS A 101 -17.72 2.99 5.00
C LYS A 101 -18.91 2.32 5.68
N GLU A 102 -18.96 0.99 5.64
CA GLU A 102 -20.04 0.27 6.29
C GLU A 102 -20.04 0.50 7.79
N PHE A 103 -18.85 0.41 8.41
CA PHE A 103 -18.70 0.77 9.82
C PHE A 103 -19.14 2.22 10.05
N LEU A 104 -18.79 3.12 9.14
CA LEU A 104 -19.13 4.52 9.31
C LEU A 104 -20.60 4.79 9.03
N GLU A 105 -21.23 3.98 8.17
CA GLU A 105 -22.63 4.21 7.83
C GLU A 105 -23.59 3.70 8.89
N ARG A 106 -23.26 2.60 9.57
CA ARG A 106 -24.09 2.13 10.67
C ARG A 106 -24.11 3.12 11.84
N ARG A 107 -23.19 4.07 11.86
CA ARG A 107 -23.21 5.13 12.86
C ARG A 107 -24.48 5.96 12.76
N ALA A 108 -25.13 5.97 11.60
CA ALA A 108 -26.41 6.64 11.42
C ALA A 108 -27.54 5.99 12.21
N GLU A 109 -27.35 4.77 12.69
CA GLU A 109 -28.31 4.06 13.52
C GLU A 109 -27.73 3.85 14.92
N ASN A 110 -28.55 3.28 15.81
CA ASN A 110 -28.11 2.98 17.17
C ASN A 110 -27.47 1.60 17.17
N PHE A 111 -26.15 1.57 16.97
CA PHE A 111 -25.41 0.32 16.85
C PHE A 111 -24.71 -0.02 18.17
N SER A 112 -24.50 -1.31 18.39
CA SER A 112 -24.00 -1.82 19.65
C SER A 112 -22.49 -1.64 19.77
N HIS A 113 -21.97 -1.89 20.97
CA HIS A 113 -20.54 -1.79 21.22
C HIS A 113 -19.80 -3.03 20.70
N GLU A 114 -20.33 -4.23 21.00
CA GLU A 114 -19.76 -5.44 20.42
C GLU A 114 -19.81 -5.41 18.90
N GLU A 115 -20.81 -4.73 18.35
CA GLU A 115 -20.92 -4.56 16.90
C GLU A 115 -19.82 -3.63 16.37
N ALA A 116 -19.45 -2.60 17.14
CA ALA A 116 -18.40 -1.69 16.68
C ALA A 116 -17.03 -2.36 16.72
N VAL A 117 -16.79 -3.20 17.72
CA VAL A 117 -15.51 -3.90 17.81
C VAL A 117 -15.36 -4.89 16.66
N ALA A 118 -16.46 -5.53 16.26
CA ALA A 118 -16.40 -6.49 15.16
C ALA A 118 -15.97 -5.81 13.87
N PHE A 119 -16.47 -4.59 13.62
CA PHE A 119 -16.03 -3.86 12.44
C PHE A 119 -14.56 -3.48 12.54
N ALA A 120 -14.11 -3.04 13.72
CA ALA A 120 -12.72 -2.65 13.89
C ALA A 120 -11.79 -3.83 13.63
N GLN A 121 -12.12 -5.00 14.18
CA GLN A 121 -11.31 -6.19 13.94
C GLN A 121 -11.37 -6.61 12.48
N GLN A 122 -12.53 -6.43 11.83
CA GLN A 122 -12.62 -6.72 10.41
C GLN A 122 -11.74 -5.79 9.59
N ILE A 123 -11.66 -4.52 10.01
CA ILE A 123 -10.76 -3.58 9.35
C ILE A 123 -9.31 -3.91 9.67
N ILE A 124 -9.03 -4.32 10.91
CA ILE A 124 -7.68 -4.69 11.28
C ILE A 124 -7.21 -5.91 10.49
N GLN A 125 -8.10 -6.90 10.31
CA GLN A 125 -7.74 -8.08 9.53
C GLN A 125 -7.44 -7.72 8.08
N LEU A 126 -8.20 -6.80 7.51
CA LEU A 126 -7.96 -6.41 6.12
C LEU A 126 -6.71 -5.56 5.98
N ILE A 127 -6.34 -4.80 7.01
CA ILE A 127 -5.13 -3.98 6.94
C ILE A 127 -3.88 -4.86 6.96
N LYS A 128 -3.95 -6.01 7.62
CA LYS A 128 -2.84 -6.95 7.58
C LYS A 128 -2.54 -7.40 6.15
N GLN A 129 -3.57 -7.45 5.29
CA GLN A 129 -3.37 -7.78 3.88
C GLN A 129 -2.72 -6.63 3.12
N VAL A 130 -2.80 -5.40 3.64
CA VAL A 130 -2.13 -4.27 3.01
C VAL A 130 -0.61 -4.40 3.12
N GLU A 131 -0.13 -5.07 4.17
CA GLU A 131 1.32 -5.28 4.30
C GLU A 131 1.85 -6.11 3.14
N CYS A 132 1.07 -7.10 2.69
CA CYS A 132 1.48 -7.87 1.52
C CYS A 132 1.45 -7.02 0.25
N VAL A 133 0.54 -6.04 0.17
CA VAL A 133 0.47 -5.18 -1.01
C VAL A 133 1.74 -4.34 -1.11
N GLN A 134 2.22 -3.82 0.03
CA GLN A 134 3.43 -3.00 0.00
C GLN A 134 4.66 -3.81 -0.37
N MET A 135 4.75 -5.05 0.14
CA MET A 135 5.87 -5.92 -0.23
C MET A 135 5.84 -6.24 -1.71
N ARG A 136 4.65 -6.37 -2.29
CA ARG A 136 4.55 -6.60 -3.72
C ARG A 136 4.92 -5.34 -4.51
N ALA A 137 4.45 -4.17 -4.06
CA ALA A 137 4.80 -2.93 -4.73
C ALA A 137 6.30 -2.65 -4.64
N LEU A 138 6.91 -2.97 -3.50
CA LEU A 138 8.36 -2.82 -3.37
C LEU A 138 9.09 -3.80 -4.29
N GLY A 139 8.53 -4.99 -4.49
CA GLY A 139 9.13 -5.95 -5.40
C GLY A 139 9.05 -5.48 -6.85
N ALA A 140 7.94 -4.84 -7.22
CA ALA A 140 7.81 -4.28 -8.56
C ALA A 140 8.78 -3.12 -8.76
N VAL A 141 9.05 -2.34 -7.72
CA VAL A 141 10.04 -1.28 -7.82
C VAL A 141 11.43 -1.87 -8.00
N ALA A 142 11.76 -2.93 -7.26
CA ALA A 142 13.07 -3.55 -7.37
C ALA A 142 13.27 -4.18 -8.74
N SER A 143 12.23 -4.84 -9.27
CA SER A 143 12.34 -5.44 -10.60
C SER A 143 12.53 -4.38 -11.66
N LEU A 144 11.78 -3.27 -11.57
CA LEU A 144 11.97 -2.17 -12.51
C LEU A 144 13.26 -1.42 -12.26
N GLY A 145 13.73 -1.38 -11.01
CA GLY A 145 14.98 -0.69 -10.71
C GLY A 145 16.20 -1.44 -11.15
N CYS A 146 16.14 -2.78 -11.13
CA CYS A 146 17.25 -3.64 -11.54
C CYS A 146 17.27 -3.87 -13.04
N THR A 147 16.72 -2.96 -13.84
CA THR A 147 16.72 -3.08 -15.29
C THR A 147 17.11 -1.74 -15.90
N ASP A 148 17.35 -1.74 -17.21
CA ASP A 148 17.82 -0.55 -17.92
C ASP A 148 16.69 0.28 -18.52
N LEU A 149 15.43 0.02 -18.14
CA LEU A 149 14.32 0.80 -18.69
C LEU A 149 14.43 2.27 -18.32
N LEU A 150 14.85 2.56 -17.10
CA LEU A 150 15.10 3.92 -16.66
C LEU A 150 16.54 4.05 -16.16
N PRO A 151 17.16 5.20 -16.36
CA PRO A 151 18.51 5.41 -15.82
C PRO A 151 18.54 5.26 -14.31
N GLN A 152 19.64 4.71 -13.80
CA GLN A 152 19.74 4.44 -12.36
C GLN A 152 19.64 5.72 -11.54
N GLU A 153 20.24 6.81 -12.03
CA GLU A 153 20.11 8.09 -11.35
C GLU A 153 18.67 8.58 -11.41
N HIS A 154 17.98 8.33 -12.53
CA HIS A 154 16.57 8.71 -12.64
C HIS A 154 15.70 7.82 -11.76
N ILE A 155 16.03 6.53 -11.66
CA ILE A 155 15.32 5.64 -10.75
C ILE A 155 15.47 6.14 -9.31
N LEU A 156 16.69 6.54 -8.95
CA LEU A 156 16.94 7.02 -7.59
C LEU A 156 16.21 8.33 -7.34
N LEU A 157 16.17 9.21 -8.33
CA LEU A 157 15.47 10.49 -8.17
C LEU A 157 13.99 10.27 -7.86
N LEU A 158 13.37 9.29 -8.53
CA LEU A 158 11.93 9.08 -8.38
C LEU A 158 11.58 8.39 -7.07
N THR A 159 12.43 7.49 -6.58
CA THR A 159 12.05 6.60 -5.50
C THR A 159 12.70 6.91 -4.16
N ARG A 160 13.80 7.67 -4.13
CA ARG A 160 14.51 7.87 -2.87
C ARG A 160 13.66 8.52 -1.77
N PRO A 161 12.92 9.61 -2.03
CA PRO A 161 12.14 10.20 -0.93
C PRO A 161 11.13 9.23 -0.32
N ARG A 162 10.47 8.43 -1.14
CA ARG A 162 9.50 7.47 -0.62
C ARG A 162 10.20 6.29 0.07
N LEU A 163 11.32 5.82 -0.50
CA LEU A 163 12.05 4.72 0.11
C LEU A 163 12.65 5.11 1.45
N GLN A 164 13.00 6.38 1.62
CA GLN A 164 13.53 6.84 2.92
C GLN A 164 12.44 6.84 3.98
N GLU A 165 11.23 7.29 3.62
CA GLU A 165 10.15 7.31 4.59
C GLU A 165 9.78 5.91 5.04
N LEU A 166 9.87 4.93 4.12
CA LEU A 166 9.60 3.55 4.49
C LEU A 166 10.73 2.97 5.36
N SER A 167 11.98 3.34 5.05
CA SER A 167 13.10 2.83 5.83
C SER A 167 13.09 3.40 7.25
N ALA A 168 12.61 4.62 7.43
CA ALA A 168 12.56 5.24 8.75
C ALA A 168 11.41 4.73 9.60
N GLY A 169 10.47 3.97 9.02
CA GLY A 169 9.34 3.48 9.76
C GLY A 169 9.72 2.42 10.78
N SER A 170 8.70 1.94 11.49
CA SER A 170 8.90 0.90 12.49
C SER A 170 9.43 -0.38 11.82
N PRO A 171 10.25 -1.15 12.54
CA PRO A 171 10.87 -2.33 11.94
C PRO A 171 9.82 -3.34 11.47
N GLY A 172 10.23 -4.15 10.49
CA GLY A 172 9.36 -5.14 9.90
C GLY A 172 9.80 -5.51 8.50
N PRO A 173 8.99 -6.31 7.80
CA PRO A 173 9.37 -6.71 6.44
C PRO A 173 9.44 -5.54 5.46
N VAL A 174 8.47 -4.62 5.51
CA VAL A 174 8.47 -3.52 4.55
C VAL A 174 9.60 -2.54 4.83
N THR A 175 10.01 -2.41 6.10
CA THR A 175 11.10 -1.50 6.43
C THR A 175 12.44 -2.05 5.97
N ASN A 176 12.68 -3.33 6.24
CA ASN A 176 13.94 -3.95 5.84
C ASN A 176 14.05 -4.09 4.33
N LYS A 177 12.92 -4.33 3.65
CA LYS A 177 12.96 -4.49 2.20
C LYS A 177 13.20 -3.16 1.50
N ALA A 178 12.54 -2.09 1.97
CA ALA A 178 12.74 -0.78 1.38
C ALA A 178 14.15 -0.25 1.65
N THR A 179 14.72 -0.59 2.82
CA THR A 179 16.09 -0.21 3.10
C THR A 179 17.06 -0.90 2.15
N LYS A 180 16.83 -2.19 1.89
CA LYS A 180 17.70 -2.92 0.98
C LYS A 180 17.61 -2.37 -0.45
N ILE A 181 16.40 -2.02 -0.89
CA ILE A 181 16.24 -1.45 -2.22
C ILE A 181 16.91 -0.08 -2.31
N LEU A 182 16.80 0.73 -1.24
CA LEU A 182 17.43 2.03 -1.25
C LEU A 182 18.95 1.93 -1.26
N ARG A 183 19.49 0.94 -0.55
CA ARG A 183 20.94 0.72 -0.57
C ARG A 183 21.42 0.41 -1.98
N HIS A 184 20.70 -0.45 -2.69
CA HIS A 184 21.15 -0.88 -4.02
C HIS A 184 21.06 0.25 -5.03
N PHE A 185 19.98 1.06 -4.96
CA PHE A 185 19.84 2.17 -5.88
C PHE A 185 20.90 3.24 -5.64
N GLU A 186 21.18 3.54 -4.37
CA GLU A 186 22.20 4.55 -4.06
C GLU A 186 23.59 4.05 -4.41
N ALA A 187 23.84 2.74 -4.25
CA ALA A 187 25.18 2.21 -4.50
C ALA A 187 25.48 2.13 -5.99
N SER A 188 24.47 1.86 -6.81
CA SER A 188 24.69 1.80 -8.26
C SER A 188 25.07 3.16 -8.83
N CYS A 189 24.55 4.24 -8.27
CA CYS A 189 24.88 5.58 -8.74
C CYS A 189 26.26 5.99 -8.28
#